data_8Z39
#
_entry.id   8Z39
#
_cell.length_a   97.519
_cell.length_b   70.005
_cell.length_c   119.974
_cell.angle_alpha   90.00
_cell.angle_beta   109.24
_cell.angle_gamma   90.00
#
_symmetry.space_group_name_H-M   'C 1 2 1'
#
loop_
_entity.id
_entity.type
_entity.pdbx_description
1 polymer 'Sonic hedgehog protein N-product'
2 polymer 'Heavy chain of antibody 5E1'
3 polymer 'Light chain of antibody 5E1'
4 non-polymer 'CALCIUM ION'
5 non-polymer 'ZINC ION'
6 non-polymer 'CHLORIDE ION'
7 non-polymer 'SULFATE ION'
8 water water
#
loop_
_entity_poly.entity_id
_entity_poly.type
_entity_poly.pdbx_seq_one_letter_code
_entity_poly.pdbx_strand_id
1 'polypeptide(L)'
;GFGKRRHPKKLTPLAYKQFIPNVAEKTLGASGRYEGKISRNSERFKELTPNYNPDIIFKDEENTGADRLMTQRCKDKLNA
LAISVMNQWPGVKLRVTEGWDEDGHHSEESLHYEGRAVDITTSDRDRSKYGMLARLAVEAGFDWVYYESKAHIHCSVKAE
NSVAAKSGG
;
A
2 'polypeptide(L)'
;QVQLQQSGPELVRPGVSVKISCKGSGYTFIDEALHWVKQSHAESLEWIGVIRPYSGETNYNQKFKDKATMTVDISSSTAY
LELARLTSEDSAIYYCARDWERGDFFDYWGQGTLVTVSSASTKGPSVFPLAPSSKSTSGGTAALGCLVKDYFPEPVTVSW
NSGALTSGVHTFPAVLQSSGLYSLSSVVTVPSSSLGTQTYICNVNHKPSNTKVDKKVEPKEQKLISEEDLNSAVDHHHHH
H
;
H
3 'polypeptide(L)'
;GDIVMTQTPKFLLVSAGDKVTITCKASQSVSNDLTWYQQKPGQSPKLLIYYASNRYAGVPDRFTGSGYGTDFTFTISTVQ
AEDLAVYFCQQDYGSPPTFGGGTKVEIKRTVAAPSVFIFPPSDEQLKSGTASVVCLLNNFYPREAKVQWKVDNALQSGNS
QESVTEQDSKDSTYSLSSTLTLSKADYEKHKVYACEVTHQGLSSPVTKSFNRGECEQKLISEEDLNSAVDHHHHHH
;
L
#
loop_
_chem_comp.id
_chem_comp.type
_chem_comp.name
_chem_comp.formula
CA non-polymer 'CALCIUM ION' 'Ca 2'
CL non-polymer 'CHLORIDE ION' 'Cl -1'
SO4 non-polymer 'SULFATE ION' 'O4 S -2'
ZN non-polymer 'ZINC ION' 'Zn 2'
#
# COMPACT_ATOMS: atom_id res chain seq x y z
N LEU A 11 -5.75 2.73 -44.42
CA LEU A 11 -5.99 2.31 -43.00
C LEU A 11 -5.65 3.44 -42.01
N THR A 12 -6.63 3.83 -41.20
CA THR A 12 -6.50 4.90 -40.18
C THR A 12 -6.53 4.28 -38.78
N PRO A 13 -5.52 4.57 -37.94
CA PRO A 13 -5.46 3.99 -36.60
C PRO A 13 -6.70 4.43 -35.80
N LEU A 14 -7.23 3.59 -34.91
CA LEU A 14 -8.27 4.02 -33.94
C LEU A 14 -7.61 5.00 -32.97
N ALA A 15 -8.41 5.95 -32.50
CA ALA A 15 -8.00 6.93 -31.46
C ALA A 15 -8.10 6.26 -30.09
N TYR A 16 -7.38 6.80 -29.12
CA TYR A 16 -7.40 6.31 -27.73
C TYR A 16 -8.86 6.35 -27.24
N LYS A 17 -9.34 5.23 -26.68
CA LYS A 17 -10.67 4.99 -26.07
C LYS A 17 -11.76 4.85 -27.17
N GLN A 18 -11.36 4.90 -28.44
CA GLN A 18 -12.34 4.75 -29.59
C GLN A 18 -12.81 3.31 -29.59
N PHE A 19 -14.07 3.08 -29.97
CA PHE A 19 -14.61 1.71 -30.13
C PHE A 19 -15.41 1.63 -31.43
N ILE A 20 -15.23 0.51 -32.12
CA ILE A 20 -15.84 0.22 -33.46
C ILE A 20 -16.44 -1.18 -33.43
N PRO A 21 -17.75 -1.31 -33.78
CA PRO A 21 -18.57 -0.17 -34.22
C PRO A 21 -18.85 0.73 -33.01
N ASN A 22 -19.42 1.91 -33.29
CA ASN A 22 -19.80 3.05 -32.42
C ASN A 22 -20.93 2.77 -31.41
N VAL A 23 -21.09 1.55 -30.91
CA VAL A 23 -22.19 1.10 -30.02
C VAL A 23 -21.61 0.26 -28.89
N ALA A 24 -22.39 -0.02 -27.86
CA ALA A 24 -21.96 -0.82 -26.69
C ALA A 24 -21.60 -2.22 -27.20
N GLU A 25 -20.60 -2.82 -26.56
CA GLU A 25 -20.03 -4.14 -26.93
C GLU A 25 -21.14 -5.19 -26.98
N LYS A 26 -22.00 -5.21 -25.98
CA LYS A 26 -22.93 -6.36 -25.82
C LYS A 26 -24.23 -6.11 -26.59
N THR A 27 -24.27 -5.12 -27.50
CA THR A 27 -25.44 -4.83 -28.38
C THR A 27 -25.37 -5.66 -29.68
N LEU A 28 -26.53 -5.82 -30.31
CA LEU A 28 -26.72 -6.77 -31.44
C LEU A 28 -25.74 -6.45 -32.57
N GLY A 29 -25.51 -5.15 -32.87
CA GLY A 29 -24.68 -4.72 -34.01
C GLY A 29 -23.20 -4.91 -33.74
N ALA A 30 -22.85 -5.18 -32.49
CA ALA A 30 -21.42 -5.36 -32.09
C ALA A 30 -21.19 -6.86 -31.85
N SER A 31 -20.93 -7.27 -30.59
CA SER A 31 -20.60 -8.68 -30.22
C SER A 31 -21.82 -9.34 -29.58
N GLY A 32 -22.84 -8.57 -29.20
CA GLY A 32 -24.09 -9.12 -28.65
C GLY A 32 -23.90 -9.67 -27.25
N ARG A 33 -24.96 -10.26 -26.68
CA ARG A 33 -25.12 -10.32 -25.21
C ARG A 33 -24.23 -11.41 -24.59
N TYR A 34 -23.90 -11.18 -23.31
CA TYR A 34 -23.20 -12.10 -22.38
C TYR A 34 -24.07 -13.34 -22.16
N GLU A 35 -23.57 -14.52 -22.49
CA GLU A 35 -24.31 -15.81 -22.34
C GLU A 35 -23.81 -16.52 -21.07
N GLY A 36 -23.01 -15.81 -20.26
CA GLY A 36 -22.65 -16.23 -18.90
C GLY A 36 -21.26 -16.85 -18.83
N LYS A 37 -20.69 -16.88 -17.62
CA LYS A 37 -19.30 -17.28 -17.33
C LYS A 37 -19.10 -18.76 -17.70
N ILE A 38 -17.96 -19.09 -18.31
CA ILE A 38 -17.49 -20.49 -18.57
C ILE A 38 -16.34 -20.80 -17.62
N SER A 39 -16.49 -21.82 -16.77
CA SER A 39 -15.42 -22.32 -15.89
C SER A 39 -14.86 -23.64 -16.43
N ARG A 40 -13.71 -24.04 -15.89
CA ARG A 40 -12.92 -25.23 -16.29
C ARG A 40 -13.74 -26.51 -16.03
N ASN A 41 -14.65 -26.46 -15.04
CA ASN A 41 -15.62 -27.53 -14.69
C ASN A 41 -16.63 -27.73 -15.83
N SER A 42 -17.16 -26.62 -16.36
CA SER A 42 -18.41 -26.53 -17.18
C SER A 42 -18.41 -27.52 -18.35
N GLU A 43 -19.61 -27.82 -18.85
CA GLU A 43 -19.81 -28.54 -20.14
C GLU A 43 -19.41 -27.60 -21.28
N ARG A 44 -19.71 -26.30 -21.15
CA ARG A 44 -19.41 -25.30 -22.21
C ARG A 44 -17.90 -25.08 -22.36
N PHE A 45 -17.08 -25.61 -21.44
CA PHE A 45 -15.59 -25.51 -21.48
C PHE A 45 -15.08 -26.15 -22.78
N LYS A 46 -15.75 -27.22 -23.21
CA LYS A 46 -15.43 -28.06 -24.38
C LYS A 46 -15.64 -27.27 -25.68
N GLU A 47 -16.51 -26.26 -25.68
CA GLU A 47 -16.71 -25.33 -26.84
C GLU A 47 -15.47 -24.41 -27.03
N LEU A 48 -14.58 -24.34 -26.02
CA LEU A 48 -13.31 -23.57 -26.08
C LEU A 48 -12.21 -24.49 -26.59
N THR A 49 -11.44 -24.00 -27.55
CA THR A 49 -10.40 -24.76 -28.27
C THR A 49 -9.11 -23.95 -28.19
N PRO A 50 -7.94 -24.60 -27.94
CA PRO A 50 -6.69 -23.85 -27.83
C PRO A 50 -6.11 -23.43 -29.19
N ASN A 51 -5.61 -22.21 -29.29
CA ASN A 51 -4.94 -21.67 -30.51
C ASN A 51 -3.44 -21.92 -30.39
N TYR A 52 -2.86 -22.71 -31.32
CA TYR A 52 -1.40 -23.03 -31.32
C TYR A 52 -0.71 -22.43 -32.56
N ASN A 53 -1.25 -21.32 -33.05
CA ASN A 53 -0.65 -20.58 -34.22
C ASN A 53 0.78 -20.20 -33.87
N PRO A 54 1.81 -20.70 -34.58
CA PRO A 54 3.20 -20.42 -34.22
C PRO A 54 3.51 -18.93 -34.40
N ASP A 55 2.66 -18.17 -35.07
CA ASP A 55 2.96 -16.73 -35.34
C ASP A 55 2.19 -15.79 -34.39
N ILE A 56 1.61 -16.31 -33.32
CA ILE A 56 0.92 -15.51 -32.24
C ILE A 56 1.70 -15.72 -30.97
N ILE A 57 2.06 -14.64 -30.28
CA ILE A 57 2.78 -14.75 -28.97
C ILE A 57 1.68 -14.74 -27.90
N PHE A 58 1.65 -15.76 -27.04
CA PHE A 58 0.69 -15.81 -25.90
C PHE A 58 1.45 -15.52 -24.61
N LYS A 59 1.07 -14.47 -23.88
CA LYS A 59 1.81 -14.06 -22.66
C LYS A 59 1.81 -15.24 -21.69
N ASP A 60 0.64 -15.79 -21.39
CA ASP A 60 0.47 -16.96 -20.50
C ASP A 60 1.25 -16.75 -19.20
N GLU A 61 1.22 -15.54 -18.65
CA GLU A 61 1.80 -15.24 -17.31
C GLU A 61 1.16 -16.18 -16.27
N GLU A 62 -0.06 -16.66 -16.51
CA GLU A 62 -0.77 -17.63 -15.61
C GLU A 62 0.00 -18.96 -15.52
N ASN A 63 0.74 -19.32 -16.59
CA ASN A 63 1.37 -20.66 -16.76
C ASN A 63 0.31 -21.75 -16.75
N THR A 64 -0.84 -21.49 -17.41
CA THR A 64 -1.96 -22.47 -17.51
C THR A 64 -2.37 -22.73 -18.98
N GLY A 65 -1.90 -21.90 -19.92
CA GLY A 65 -2.36 -21.91 -21.33
C GLY A 65 -3.76 -21.33 -21.52
N ALA A 66 -4.33 -20.64 -20.52
CA ALA A 66 -5.71 -20.11 -20.59
C ALA A 66 -5.80 -19.06 -21.71
N ASP A 67 -4.74 -18.29 -21.90
CA ASP A 67 -4.70 -17.18 -22.90
C ASP A 67 -4.97 -17.74 -24.31
N ARG A 68 -4.58 -18.99 -24.55
CA ARG A 68 -4.77 -19.67 -25.86
C ARG A 68 -6.21 -20.10 -26.06
N LEU A 69 -7.00 -20.27 -24.98
CA LEU A 69 -8.36 -20.84 -25.08
C LEU A 69 -9.33 -19.75 -25.50
N MET A 70 -10.20 -20.02 -26.48
CA MET A 70 -11.17 -19.05 -27.03
C MET A 70 -12.20 -19.79 -27.90
N THR A 71 -13.25 -19.11 -28.34
CA THR A 71 -14.27 -19.73 -29.23
C THR A 71 -13.72 -19.89 -30.66
N GLN A 72 -14.44 -20.69 -31.48
CA GLN A 72 -14.06 -20.93 -32.88
C GLN A 72 -13.97 -19.60 -33.66
N ARG A 73 -14.98 -18.72 -33.49
CA ARG A 73 -15.02 -17.39 -34.20
C ARG A 73 -13.84 -16.52 -33.73
N CYS A 74 -13.56 -16.52 -32.43
CA CYS A 74 -12.43 -15.75 -31.86
C CYS A 74 -11.13 -16.23 -32.53
N LYS A 75 -10.93 -17.54 -32.58
CA LYS A 75 -9.73 -18.16 -33.24
C LYS A 75 -9.61 -17.63 -34.66
N ASP A 76 -10.72 -17.67 -35.40
CA ASP A 76 -10.72 -17.37 -36.84
C ASP A 76 -10.30 -15.91 -37.05
N LYS A 77 -10.88 -14.98 -36.28
CA LYS A 77 -10.55 -13.55 -36.49
C LYS A 77 -9.07 -13.34 -36.04
N LEU A 78 -8.72 -14.00 -34.92
CA LEU A 78 -7.34 -13.87 -34.37
C LEU A 78 -6.33 -14.37 -35.41
N ASN A 79 -6.61 -15.49 -36.08
CA ASN A 79 -5.67 -16.08 -37.06
C ASN A 79 -5.56 -15.09 -38.23
N ALA A 80 -6.67 -14.48 -38.64
CA ALA A 80 -6.63 -13.50 -39.76
C ALA A 80 -5.73 -12.32 -39.36
N LEU A 81 -5.90 -11.82 -38.14
CA LEU A 81 -5.15 -10.64 -37.64
C LEU A 81 -3.64 -10.97 -37.54
N ALA A 82 -3.30 -12.24 -37.25
CA ALA A 82 -1.88 -12.68 -37.15
C ALA A 82 -1.19 -12.39 -38.47
N ILE A 83 -1.89 -12.71 -39.58
CA ILE A 83 -1.33 -12.53 -40.94
C ILE A 83 -1.13 -11.03 -41.22
N SER A 84 -2.15 -10.22 -40.93
CA SER A 84 -2.11 -8.76 -41.27
C SER A 84 -1.09 -8.01 -40.40
N VAL A 85 -0.85 -8.46 -39.18
CA VAL A 85 0.22 -7.83 -38.34
C VAL A 85 1.60 -8.07 -38.96
N MET A 86 1.91 -9.31 -39.39
CA MET A 86 3.26 -9.64 -39.93
C MET A 86 3.48 -8.83 -41.22
N ASN A 87 2.39 -8.61 -41.97
CA ASN A 87 2.42 -7.85 -43.24
CA ASN A 87 2.40 -7.85 -43.24
C ASN A 87 2.65 -6.36 -42.93
N GLN A 88 2.01 -5.84 -41.88
CA GLN A 88 2.11 -4.40 -41.52
C GLN A 88 3.53 -4.01 -41.10
N TRP A 89 4.16 -4.78 -40.22
CA TRP A 89 5.49 -4.47 -39.65
C TRP A 89 6.41 -5.68 -39.77
N PRO A 90 7.40 -5.66 -40.67
CA PRO A 90 8.37 -6.74 -40.80
C PRO A 90 9.01 -7.18 -39.46
N GLY A 91 8.91 -8.48 -39.17
CA GLY A 91 9.57 -9.10 -38.01
C GLY A 91 8.70 -9.03 -36.75
N VAL A 92 7.56 -8.35 -36.82
CA VAL A 92 6.66 -8.17 -35.65
C VAL A 92 5.53 -9.17 -35.73
N LYS A 93 5.07 -9.63 -34.57
CA LYS A 93 3.92 -10.56 -34.48
C LYS A 93 2.81 -10.03 -33.59
N LEU A 94 1.61 -10.55 -33.82
CA LEU A 94 0.47 -10.37 -32.88
C LEU A 94 0.80 -11.01 -31.52
N ARG A 95 0.39 -10.37 -30.44
CA ARG A 95 0.60 -10.88 -29.04
C ARG A 95 -0.72 -10.79 -28.26
N VAL A 96 -1.10 -11.86 -27.60
CA VAL A 96 -2.29 -11.95 -26.71
C VAL A 96 -1.82 -11.88 -25.24
N THR A 97 -2.36 -10.99 -24.45
CA THR A 97 -2.02 -10.89 -23.00
C THR A 97 -3.11 -11.64 -22.20
N GLU A 98 -4.35 -11.64 -22.72
CA GLU A 98 -5.51 -12.31 -22.10
C GLU A 98 -6.41 -12.90 -23.22
N GLY A 99 -6.84 -14.13 -23.03
CA GLY A 99 -7.90 -14.76 -23.86
C GLY A 99 -9.05 -15.14 -22.95
N TRP A 100 -9.33 -16.42 -22.83
CA TRP A 100 -10.27 -16.89 -21.81
C TRP A 100 -9.67 -16.57 -20.44
N ASP A 101 -10.48 -16.09 -19.51
CA ASP A 101 -9.96 -15.69 -18.17
C ASP A 101 -10.72 -16.44 -17.08
N GLU A 102 -9.97 -17.04 -16.15
CA GLU A 102 -10.53 -17.64 -14.91
C GLU A 102 -10.00 -16.90 -13.65
N ASP A 103 -9.27 -15.77 -13.78
CA ASP A 103 -8.64 -15.05 -12.63
C ASP A 103 -9.50 -13.87 -12.12
N GLY A 104 -10.63 -13.58 -12.78
CA GLY A 104 -11.49 -12.42 -12.48
C GLY A 104 -10.79 -11.10 -12.74
N HIS A 105 -9.92 -11.03 -13.74
CA HIS A 105 -9.06 -9.88 -14.07
C HIS A 105 -9.73 -8.95 -15.10
N HIS A 106 -11.06 -8.93 -15.17
CA HIS A 106 -11.81 -8.14 -16.19
C HIS A 106 -13.04 -7.52 -15.58
N SER A 107 -13.86 -6.85 -16.40
CA SER A 107 -15.18 -6.30 -15.99
C SER A 107 -16.04 -7.47 -15.49
N GLU A 108 -17.13 -7.15 -14.78
CA GLU A 108 -17.92 -8.11 -13.97
C GLU A 108 -18.55 -9.21 -14.83
N GLU A 109 -18.93 -8.89 -16.08
CA GLU A 109 -19.48 -9.90 -17.04
C GLU A 109 -18.71 -9.78 -18.35
N SER A 110 -17.40 -9.93 -18.25
CA SER A 110 -16.47 -9.79 -19.37
C SER A 110 -16.74 -10.89 -20.41
N LEU A 111 -16.75 -10.56 -21.69
CA LEU A 111 -16.69 -11.61 -22.75
C LEU A 111 -15.43 -12.47 -22.60
N HIS A 112 -14.41 -12.07 -21.84
CA HIS A 112 -13.23 -12.94 -21.61
C HIS A 112 -13.67 -14.20 -20.85
N TYR A 113 -14.67 -14.11 -19.99
CA TYR A 113 -15.09 -15.21 -19.10
C TYR A 113 -15.72 -16.34 -19.92
N GLU A 114 -16.12 -16.08 -21.18
CA GLU A 114 -16.71 -17.14 -22.05
C GLU A 114 -15.89 -17.29 -23.34
N GLY A 115 -14.64 -16.84 -23.32
CA GLY A 115 -13.67 -17.14 -24.40
C GLY A 115 -13.94 -16.35 -25.68
N ARG A 116 -14.62 -15.21 -25.58
CA ARG A 116 -15.06 -14.43 -26.77
C ARG A 116 -14.27 -13.13 -26.88
N ALA A 117 -13.20 -12.94 -26.10
CA ALA A 117 -12.41 -11.71 -26.21
C ALA A 117 -10.93 -12.00 -26.01
N VAL A 118 -10.13 -11.15 -26.63
CA VAL A 118 -8.66 -11.18 -26.48
C VAL A 118 -8.22 -9.75 -26.19
N ASP A 119 -7.26 -9.59 -25.27
CA ASP A 119 -6.51 -8.33 -25.21
C ASP A 119 -5.22 -8.57 -25.99
N ILE A 120 -4.81 -7.60 -26.78
CA ILE A 120 -3.69 -7.77 -27.72
C ILE A 120 -2.76 -6.56 -27.71
N THR A 121 -1.53 -6.83 -28.15
CA THR A 121 -0.43 -5.88 -28.40
C THR A 121 0.32 -6.42 -29.59
N THR A 122 1.32 -5.68 -30.06
CA THR A 122 2.37 -6.20 -30.92
C THR A 122 3.43 -6.90 -30.07
N SER A 123 4.21 -7.79 -30.69
CA SER A 123 5.27 -8.58 -30.05
C SER A 123 6.33 -7.66 -29.43
N ASP A 124 6.56 -6.48 -30.00
CA ASP A 124 7.61 -5.55 -29.54
C ASP A 124 7.09 -4.61 -28.43
N ARG A 125 5.80 -4.73 -28.05
CA ARG A 125 5.14 -3.88 -27.04
C ARG A 125 5.41 -2.39 -27.32
N ASP A 126 5.42 -2.01 -28.59
CA ASP A 126 5.54 -0.59 -29.04
C ASP A 126 4.15 0.04 -29.00
N ARG A 127 3.86 0.82 -27.96
CA ARG A 127 2.53 1.42 -27.76
C ARG A 127 2.13 2.27 -28.96
N SER A 128 3.09 2.84 -29.72
CA SER A 128 2.78 3.72 -30.88
C SER A 128 2.12 2.91 -32.01
N LYS A 129 2.21 1.59 -31.97
CA LYS A 129 1.59 0.71 -33.02
C LYS A 129 0.15 0.34 -32.68
N TYR A 130 -0.33 0.58 -31.45
CA TYR A 130 -1.56 -0.06 -30.93
C TYR A 130 -2.81 0.47 -31.66
N GLY A 131 -2.86 1.77 -31.99
CA GLY A 131 -3.99 2.33 -32.74
C GLY A 131 -4.19 1.61 -34.07
N MET A 132 -3.09 1.43 -34.81
CA MET A 132 -3.09 0.71 -36.11
C MET A 132 -3.41 -0.78 -35.89
N LEU A 133 -2.87 -1.38 -34.81
CA LEU A 133 -3.18 -2.78 -34.41
C LEU A 133 -4.69 -2.92 -34.26
N ALA A 134 -5.35 -1.95 -33.61
CA ALA A 134 -6.82 -1.95 -33.43
C ALA A 134 -7.52 -1.92 -34.79
N ARG A 135 -7.03 -1.07 -35.70
CA ARG A 135 -7.64 -0.92 -37.05
C ARG A 135 -7.50 -2.26 -37.78
N LEU A 136 -6.34 -2.91 -37.68
CA LEU A 136 -6.11 -4.26 -38.29
C LEU A 136 -7.13 -5.24 -37.67
N ALA A 137 -7.41 -5.15 -36.38
CA ALA A 137 -8.38 -6.07 -35.72
C ALA A 137 -9.77 -5.86 -36.33
N VAL A 138 -10.14 -4.61 -36.62
CA VAL A 138 -11.46 -4.31 -37.27
C VAL A 138 -11.47 -5.00 -38.64
N GLU A 139 -10.45 -4.74 -39.47
CA GLU A 139 -10.32 -5.31 -40.86
C GLU A 139 -10.33 -6.85 -40.81
N ALA A 140 -9.71 -7.47 -39.79
CA ALA A 140 -9.65 -8.95 -39.59
C ALA A 140 -11.02 -9.55 -39.20
N GLY A 141 -11.98 -8.67 -38.83
CA GLY A 141 -13.40 -9.04 -38.67
C GLY A 141 -13.81 -9.25 -37.24
N PHE A 142 -13.03 -8.78 -36.26
CA PHE A 142 -13.58 -8.72 -34.89
C PHE A 142 -14.90 -7.89 -34.96
N ASP A 143 -15.89 -8.38 -34.18
CA ASP A 143 -17.26 -7.79 -34.00
C ASP A 143 -17.20 -6.50 -33.15
N TRP A 144 -16.19 -6.34 -32.29
CA TRP A 144 -16.07 -5.13 -31.44
C TRP A 144 -14.60 -4.93 -31.12
N VAL A 145 -14.09 -3.71 -31.32
CA VAL A 145 -12.66 -3.38 -31.07
C VAL A 145 -12.61 -2.07 -30.29
N TYR A 146 -11.85 -2.05 -29.21
CA TYR A 146 -11.89 -0.96 -28.20
C TYR A 146 -10.46 -0.68 -27.76
N TYR A 147 -9.94 0.53 -28.01
CA TYR A 147 -8.59 1.00 -27.64
C TYR A 147 -8.65 1.32 -26.14
N GLU A 148 -8.66 0.25 -25.35
CA GLU A 148 -9.18 0.22 -23.97
C GLU A 148 -8.15 0.86 -23.02
N SER A 149 -6.86 0.68 -23.25
CA SER A 149 -5.81 1.24 -22.37
C SER A 149 -4.60 1.59 -23.22
N LYS A 150 -3.66 2.32 -22.62
CA LYS A 150 -2.33 2.58 -23.24
C LYS A 150 -1.63 1.26 -23.53
N ALA A 151 -1.99 0.20 -22.82
CA ALA A 151 -1.19 -1.05 -22.81
C ALA A 151 -1.84 -2.11 -23.70
N HIS A 152 -3.10 -1.96 -24.14
CA HIS A 152 -3.72 -3.05 -24.94
C HIS A 152 -4.95 -2.59 -25.73
N ILE A 153 -5.32 -3.42 -26.70
CA ILE A 153 -6.56 -3.34 -27.49
C ILE A 153 -7.43 -4.53 -27.10
N HIS A 154 -8.70 -4.29 -26.78
CA HIS A 154 -9.67 -5.34 -26.44
C HIS A 154 -10.46 -5.65 -27.71
N CYS A 155 -10.58 -6.92 -28.02
CA CYS A 155 -11.27 -7.34 -29.28
C CYS A 155 -12.27 -8.42 -28.90
N SER A 156 -13.49 -8.41 -29.41
CA SER A 156 -14.42 -9.50 -29.07
C SER A 156 -15.20 -9.91 -30.33
N VAL A 157 -15.92 -11.01 -30.17
CA VAL A 157 -16.72 -11.65 -31.27
C VAL A 157 -18.10 -12.04 -30.73
N LYS A 158 -19.04 -12.15 -31.67
CA LYS A 158 -20.39 -12.76 -31.45
CA LYS A 158 -20.39 -12.76 -31.45
C LYS A 158 -20.19 -14.20 -30.98
N ALA A 159 -21.16 -14.73 -30.25
CA ALA A 159 -21.20 -16.16 -29.85
C ALA A 159 -21.45 -17.02 -31.11
N GLU A 160 -21.10 -18.31 -31.01
CA GLU A 160 -21.31 -19.31 -32.09
C GLU A 160 -22.82 -19.34 -32.35
N ASN A 161 -23.60 -19.44 -31.27
CA ASN A 161 -25.08 -19.29 -31.21
C ASN A 161 -25.40 -18.07 -30.32
N GLN B 1 2.07 -14.50 -3.56
CA GLN B 1 3.08 -15.22 -4.43
C GLN B 1 3.86 -14.21 -5.29
N VAL B 2 3.22 -13.26 -5.99
CA VAL B 2 3.95 -12.05 -6.49
C VAL B 2 4.41 -11.25 -5.26
N GLN B 3 5.71 -10.97 -5.16
CA GLN B 3 6.27 -10.09 -4.09
CA GLN B 3 6.30 -10.13 -4.08
C GLN B 3 7.35 -9.18 -4.69
N LEU B 4 7.36 -7.94 -4.22
CA LEU B 4 8.44 -6.99 -4.50
C LEU B 4 9.12 -6.70 -3.16
N GLN B 5 10.40 -7.03 -3.05
CA GLN B 5 11.15 -6.89 -1.76
C GLN B 5 12.13 -5.74 -1.93
N GLN B 6 11.95 -4.67 -1.13
CA GLN B 6 12.81 -3.48 -1.21
C GLN B 6 13.90 -3.52 -0.14
N SER B 7 14.96 -2.80 -0.41
CA SER B 7 16.14 -2.68 0.46
C SER B 7 15.79 -1.84 1.68
N GLY B 8 16.69 -1.86 2.66
CA GLY B 8 16.42 -1.24 3.96
C GLY B 8 16.51 0.28 3.95
N PRO B 9 16.18 0.87 5.11
CA PRO B 9 16.19 2.31 5.28
C PRO B 9 17.61 2.88 5.11
N GLU B 10 17.68 4.14 4.70
CA GLU B 10 18.95 4.82 4.33
C GLU B 10 18.99 6.17 5.05
N LEU B 11 20.09 6.48 5.72
CA LEU B 11 20.44 7.85 6.10
C LEU B 11 21.48 8.37 5.11
N VAL B 12 21.31 9.57 4.60
CA VAL B 12 22.31 10.10 3.62
C VAL B 12 22.38 11.61 3.81
N ARG B 13 23.57 12.16 3.79
CA ARG B 13 23.78 13.63 3.79
C ARG B 13 23.24 14.26 2.53
N PRO B 14 22.80 15.53 2.65
CA PRO B 14 22.44 16.32 1.48
C PRO B 14 23.68 16.37 0.56
N GLY B 15 23.44 16.31 -0.75
CA GLY B 15 24.44 16.42 -1.81
C GLY B 15 25.11 15.09 -2.12
N VAL B 16 24.83 14.04 -1.33
CA VAL B 16 25.32 12.66 -1.54
C VAL B 16 24.24 11.96 -2.39
N SER B 17 24.56 10.79 -2.92
CA SER B 17 23.60 9.98 -3.71
CA SER B 17 23.62 9.96 -3.71
C SER B 17 23.26 8.73 -2.89
N VAL B 18 22.18 8.09 -3.26
CA VAL B 18 21.80 6.81 -2.60
C VAL B 18 21.16 5.95 -3.69
N LYS B 19 21.38 4.65 -3.62
CA LYS B 19 20.83 3.70 -4.61
C LYS B 19 20.06 2.64 -3.84
N ILE B 20 18.78 2.51 -4.13
CA ILE B 20 17.88 1.55 -3.44
C ILE B 20 17.41 0.53 -4.47
N SER B 21 16.96 -0.63 -3.98
CA SER B 21 16.68 -1.83 -4.80
C SER B 21 15.28 -2.39 -4.53
N CYS B 22 14.78 -3.11 -5.52
CA CYS B 22 13.45 -3.73 -5.51
C CYS B 22 13.57 -5.08 -6.23
N LYS B 23 13.42 -6.20 -5.51
CA LYS B 23 13.58 -7.53 -6.12
C LYS B 23 12.22 -8.15 -6.31
N GLY B 24 11.93 -8.59 -7.53
CA GLY B 24 10.64 -9.22 -7.85
C GLY B 24 10.71 -10.72 -7.78
N SER B 25 9.67 -11.35 -7.25
CA SER B 25 9.55 -12.83 -7.24
C SER B 25 8.09 -13.24 -7.47
N GLY B 26 7.90 -14.50 -7.88
CA GLY B 26 6.57 -15.10 -8.04
C GLY B 26 5.92 -14.72 -9.36
N TYR B 27 6.75 -14.19 -10.27
CA TYR B 27 6.39 -13.89 -11.68
C TYR B 27 7.68 -13.78 -12.50
N THR B 28 7.52 -13.81 -13.83
CA THR B 28 8.65 -13.67 -14.78
C THR B 28 8.98 -12.19 -14.90
N PHE B 29 10.15 -11.80 -14.39
CA PHE B 29 10.58 -10.40 -14.19
C PHE B 29 10.34 -9.57 -15.48
N ILE B 30 10.65 -10.05 -16.68
CA ILE B 30 10.55 -9.22 -17.93
C ILE B 30 9.08 -9.13 -18.43
N ASP B 31 8.17 -9.91 -17.81
CA ASP B 31 6.72 -9.86 -18.15
C ASP B 31 6.09 -8.53 -17.74
N GLU B 32 6.61 -7.82 -16.74
CA GLU B 32 5.91 -6.57 -16.31
C GLU B 32 6.90 -5.42 -16.13
N ALA B 33 6.37 -4.20 -16.36
CA ALA B 33 7.08 -2.92 -16.09
C ALA B 33 7.11 -2.67 -14.58
N LEU B 34 8.10 -1.94 -14.14
CA LEU B 34 8.28 -1.58 -12.70
C LEU B 34 8.32 -0.06 -12.62
N HIS B 35 7.50 0.48 -11.69
CA HIS B 35 7.36 1.94 -11.47
C HIS B 35 7.93 2.28 -10.11
N TRP B 36 8.39 3.50 -9.99
CA TRP B 36 8.84 4.06 -8.69
C TRP B 36 7.89 5.18 -8.28
N VAL B 37 7.48 5.21 -7.01
CA VAL B 37 6.51 6.18 -6.45
C VAL B 37 7.07 6.74 -5.13
N LYS B 38 7.08 8.05 -4.98
CA LYS B 38 7.55 8.75 -3.73
C LYS B 38 6.30 9.04 -2.87
N GLN B 39 6.41 8.86 -1.56
CA GLN B 39 5.35 9.27 -0.61
C GLN B 39 6.01 10.16 0.43
N SER B 40 5.67 11.45 0.46
CA SER B 40 6.14 12.42 1.49
C SER B 40 4.93 13.06 2.19
N HIS B 41 5.08 13.55 3.42
CA HIS B 41 3.96 14.31 4.07
C HIS B 41 3.50 15.47 3.16
N ALA B 42 4.46 16.24 2.62
CA ALA B 42 4.26 17.50 1.87
C ALA B 42 3.49 17.27 0.55
N GLU B 43 3.72 16.16 -0.15
CA GLU B 43 3.25 16.00 -1.55
C GLU B 43 2.47 14.70 -1.75
N SER B 44 2.16 13.92 -0.70
CA SER B 44 1.40 12.65 -0.79
C SER B 44 2.12 11.75 -1.82
N LEU B 45 1.43 11.10 -2.77
CA LEU B 45 2.06 10.14 -3.71
C LEU B 45 2.44 10.84 -5.01
N GLU B 46 3.64 10.58 -5.50
CA GLU B 46 4.13 11.18 -6.76
C GLU B 46 4.79 10.08 -7.58
N TRP B 47 4.43 9.99 -8.86
CA TRP B 47 5.04 9.00 -9.77
C TRP B 47 6.40 9.51 -10.22
N ILE B 48 7.47 8.73 -9.99
CA ILE B 48 8.85 9.12 -10.42
C ILE B 48 9.12 8.71 -11.87
N GLY B 49 8.76 7.49 -12.21
CA GLY B 49 9.04 6.93 -13.54
C GLY B 49 8.83 5.43 -13.64
N VAL B 50 9.14 4.90 -14.81
CA VAL B 50 8.93 3.47 -15.12
C VAL B 50 10.15 2.98 -15.91
N ILE B 51 10.46 1.71 -15.65
CA ILE B 51 11.47 0.96 -16.44
C ILE B 51 10.80 -0.33 -16.96
N ARG B 52 11.04 -0.62 -18.25
CA ARG B 52 10.49 -1.85 -18.88
C ARG B 52 11.69 -2.80 -19.01
N PRO B 53 11.80 -3.85 -18.17
CA PRO B 53 13.01 -4.69 -18.17
C PRO B 53 13.15 -5.52 -19.44
N TYR B 54 12.06 -5.72 -20.18
CA TYR B 54 12.06 -6.48 -21.46
C TYR B 54 12.87 -5.76 -22.54
N SER B 55 12.89 -4.42 -22.51
CA SER B 55 13.49 -3.54 -23.54
C SER B 55 14.54 -2.61 -22.90
N GLY B 56 14.58 -2.52 -21.58
CA GLY B 56 15.43 -1.57 -20.83
C GLY B 56 15.01 -0.12 -20.98
N GLU B 57 13.93 0.19 -21.70
CA GLU B 57 13.43 1.58 -21.90
CA GLU B 57 13.50 1.60 -21.89
C GLU B 57 13.00 2.20 -20.56
N THR B 58 13.20 3.50 -20.41
CA THR B 58 12.80 4.27 -19.21
C THR B 58 11.96 5.47 -19.65
N ASN B 59 11.02 5.89 -18.81
CA ASN B 59 10.25 7.16 -18.95
C ASN B 59 10.30 7.84 -17.59
N TYR B 60 10.82 9.06 -17.51
CA TYR B 60 10.90 9.79 -16.21
C TYR B 60 9.85 10.88 -16.19
N ASN B 61 9.17 11.04 -15.06
CA ASN B 61 8.48 12.31 -14.69
C ASN B 61 9.51 13.46 -14.80
N GLN B 62 9.18 14.55 -15.48
CA GLN B 62 10.15 15.64 -15.74
C GLN B 62 10.53 16.28 -14.40
N LYS B 63 9.70 16.17 -13.36
CA LYS B 63 10.02 16.76 -12.03
C LYS B 63 11.18 15.99 -11.36
N PHE B 64 11.51 14.77 -11.84
CA PHE B 64 12.54 13.88 -11.25
C PHE B 64 13.68 13.62 -12.26
N LYS B 65 13.66 14.18 -13.45
CA LYS B 65 14.61 13.83 -14.54
C LYS B 65 16.06 14.05 -14.08
N ASP B 66 16.37 15.10 -13.32
CA ASP B 66 17.75 15.45 -12.87
C ASP B 66 18.09 14.80 -11.53
N LYS B 67 17.13 14.14 -10.92
CA LYS B 67 17.24 13.57 -9.56
C LYS B 67 17.51 12.08 -9.67
N ALA B 68 16.77 11.38 -10.56
CA ALA B 68 16.55 9.93 -10.47
C ALA B 68 17.15 9.22 -11.68
N THR B 69 17.82 8.08 -11.45
CA THR B 69 18.23 7.10 -12.47
C THR B 69 17.66 5.72 -12.14
N MET B 70 16.91 5.13 -13.07
CA MET B 70 16.37 3.76 -12.95
C MET B 70 17.22 2.77 -13.79
N THR B 71 17.57 1.61 -13.20
CA THR B 71 18.26 0.46 -13.86
C THR B 71 17.64 -0.87 -13.42
N VAL B 72 17.90 -1.94 -14.17
CA VAL B 72 17.47 -3.32 -13.81
C VAL B 72 18.64 -4.27 -14.04
N ASP B 73 18.68 -5.33 -13.23
CA ASP B 73 19.48 -6.56 -13.42
C ASP B 73 18.53 -7.75 -13.59
N ILE B 74 18.35 -8.23 -14.83
CA ILE B 74 17.31 -9.25 -15.11
C ILE B 74 17.66 -10.55 -14.39
N SER B 75 18.96 -10.87 -14.31
CA SER B 75 19.46 -12.17 -13.83
C SER B 75 19.03 -12.32 -12.36
N SER B 76 19.02 -11.23 -11.61
CA SER B 76 18.68 -11.19 -10.17
C SER B 76 17.25 -10.67 -9.96
N SER B 77 16.46 -10.49 -11.02
CA SER B 77 15.08 -9.96 -10.92
C SER B 77 15.05 -8.74 -9.97
N THR B 78 16.01 -7.82 -10.10
CA THR B 78 16.13 -6.60 -9.25
C THR B 78 16.14 -5.31 -10.09
N ALA B 79 15.35 -4.32 -9.67
CA ALA B 79 15.35 -2.92 -10.20
C ALA B 79 16.01 -2.03 -9.14
N TYR B 80 16.72 -0.99 -9.61
CA TYR B 80 17.45 -0.01 -8.78
C TYR B 80 16.96 1.40 -9.10
N LEU B 81 16.84 2.21 -8.05
CA LEU B 81 16.62 3.65 -8.14
C LEU B 81 17.79 4.38 -7.49
N GLU B 82 18.46 5.22 -8.26
CA GLU B 82 19.59 6.04 -7.76
C GLU B 82 19.07 7.48 -7.71
N LEU B 83 19.17 8.12 -6.56
CA LEU B 83 18.76 9.53 -6.35
C LEU B 83 20.03 10.31 -6.04
N ALA B 84 20.24 11.42 -6.76
CA ALA B 84 21.47 12.21 -6.71
C ALA B 84 21.15 13.63 -6.21
N ARG B 85 22.20 14.27 -5.68
CA ARG B 85 22.23 15.68 -5.21
C ARG B 85 21.00 15.90 -4.30
N LEU B 86 20.91 15.08 -3.25
CA LEU B 86 19.73 15.04 -2.35
C LEU B 86 19.68 16.29 -1.49
N THR B 87 18.46 16.75 -1.19
CA THR B 87 18.13 17.73 -0.12
C THR B 87 17.10 17.07 0.79
N SER B 88 16.73 17.75 1.87
CA SER B 88 15.68 17.28 2.83
C SER B 88 14.31 17.15 2.14
N GLU B 89 14.07 17.85 1.03
CA GLU B 89 12.84 17.67 0.22
C GLU B 89 12.78 16.21 -0.31
N ASP B 90 13.91 15.52 -0.34
CA ASP B 90 13.98 14.15 -0.89
C ASP B 90 13.64 13.15 0.22
N SER B 91 13.62 13.53 1.51
CA SER B 91 13.23 12.59 2.59
C SER B 91 11.80 12.08 2.30
N ALA B 92 11.60 10.77 2.25
CA ALA B 92 10.31 10.15 1.88
C ALA B 92 10.42 8.64 1.99
N ILE B 93 9.26 7.99 1.89
CA ILE B 93 9.15 6.56 1.56
C ILE B 93 9.17 6.43 0.02
N TYR B 94 10.05 5.57 -0.49
CA TYR B 94 10.10 5.27 -1.93
C TYR B 94 9.54 3.87 -2.11
N TYR B 95 8.56 3.75 -2.99
CA TYR B 95 8.01 2.42 -3.32
C TYR B 95 8.38 2.05 -4.77
N CYS B 96 8.59 0.77 -4.99
CA CYS B 96 8.47 0.19 -6.36
C CYS B 96 7.08 -0.41 -6.47
N ALA B 97 6.55 -0.51 -7.70
CA ALA B 97 5.19 -1.02 -7.90
C ALA B 97 5.11 -1.59 -9.31
N ARG B 98 4.47 -2.72 -9.44
CA ARG B 98 4.33 -3.43 -10.73
C ARG B 98 3.03 -3.01 -11.41
N ASP B 99 3.04 -2.87 -12.74
CA ASP B 99 1.76 -2.82 -13.49
C ASP B 99 1.51 -4.23 -14.03
N TRP B 100 0.35 -4.41 -14.66
CA TRP B 100 -0.06 -5.74 -15.13
C TRP B 100 -0.57 -5.62 -16.57
N GLU B 101 -0.02 -4.64 -17.29
CA GLU B 101 -0.22 -4.44 -18.73
C GLU B 101 -1.69 -4.11 -18.98
N ARG B 102 -2.30 -3.35 -18.07
CA ARG B 102 -3.68 -2.84 -18.19
C ARG B 102 -3.71 -1.31 -18.30
N GLY B 103 -2.52 -0.67 -18.18
CA GLY B 103 -2.41 0.78 -17.96
C GLY B 103 -1.42 1.08 -16.85
N ASP B 104 -1.08 2.34 -16.62
CA ASP B 104 0.01 2.72 -15.68
C ASP B 104 -0.58 2.89 -14.26
N PHE B 105 -1.07 1.76 -13.74
CA PHE B 105 -1.55 1.63 -12.34
C PHE B 105 -1.16 0.21 -11.85
N PHE B 106 -1.18 0.00 -10.55
CA PHE B 106 -0.24 -0.95 -9.88
C PHE B 106 -0.97 -1.94 -8.95
N ASP B 107 -0.85 -3.23 -9.24
CA ASP B 107 -1.52 -4.33 -8.48
C ASP B 107 -0.58 -4.79 -7.37
N TYR B 108 0.72 -4.62 -7.48
CA TYR B 108 1.65 -5.14 -6.46
C TYR B 108 2.63 -4.03 -6.13
N TRP B 109 2.87 -3.79 -4.83
CA TRP B 109 3.70 -2.70 -4.31
C TRP B 109 4.76 -3.31 -3.39
N GLY B 110 6.00 -2.86 -3.51
CA GLY B 110 7.03 -3.10 -2.45
C GLY B 110 6.56 -2.56 -1.11
N GLN B 111 7.25 -2.95 -0.05
CA GLN B 111 6.94 -2.52 1.34
C GLN B 111 7.43 -1.09 1.57
N GLY B 112 8.27 -0.56 0.69
CA GLY B 112 8.71 0.83 0.83
C GLY B 112 10.05 0.93 1.52
N THR B 113 10.90 1.85 1.03
CA THR B 113 12.22 2.18 1.62
C THR B 113 12.15 3.60 2.17
N LEU B 114 12.43 3.78 3.46
CA LEU B 114 12.43 5.12 4.07
C LEU B 114 13.82 5.70 3.87
N VAL B 115 13.89 6.82 3.18
CA VAL B 115 15.14 7.59 2.95
C VAL B 115 15.06 8.88 3.77
N THR B 116 15.99 9.02 4.72
CA THR B 116 16.15 10.25 5.52
C THR B 116 17.38 11.02 5.02
N VAL B 117 17.17 12.22 4.48
CA VAL B 117 18.27 13.10 4.02
C VAL B 117 18.55 14.10 5.12
N SER B 118 19.72 14.00 5.75
CA SER B 118 20.00 14.78 6.96
C SER B 118 21.50 14.79 7.19
N SER B 119 21.94 15.81 7.90
CA SER B 119 23.36 15.96 8.25
C SER B 119 23.63 15.29 9.59
N ALA B 120 22.60 14.81 10.29
CA ALA B 120 22.72 14.22 11.63
C ALA B 120 23.34 12.80 11.56
N SER B 121 24.11 12.44 12.59
CA SER B 121 24.75 11.10 12.75
C SER B 121 23.71 10.03 13.14
N THR B 122 23.91 8.80 12.66
CA THR B 122 23.14 7.65 13.15
C THR B 122 23.49 7.37 14.59
N LYS B 123 22.51 6.87 15.34
CA LYS B 123 22.67 6.44 16.71
C LYS B 123 21.68 5.31 16.96
N GLY B 124 22.17 4.19 17.44
CA GLY B 124 21.32 3.04 17.74
C GLY B 124 20.63 3.26 19.07
N PRO B 125 19.47 2.62 19.27
CA PRO B 125 18.76 2.75 20.54
C PRO B 125 19.38 2.00 21.70
N SER B 126 19.10 2.45 22.93
CA SER B 126 19.16 1.62 24.16
C SER B 126 17.80 0.98 24.32
N VAL B 127 17.75 -0.27 24.80
CA VAL B 127 16.46 -1.00 24.96
C VAL B 127 16.32 -1.38 26.41
N PHE B 128 15.25 -0.90 27.06
CA PHE B 128 15.04 -1.12 28.52
C PHE B 128 13.74 -1.85 28.72
N PRO B 129 13.69 -2.75 29.73
CA PRO B 129 12.46 -3.47 30.06
C PRO B 129 11.38 -2.56 30.65
N LEU B 130 10.13 -2.75 30.22
CA LEU B 130 8.92 -2.30 30.98
C LEU B 130 8.31 -3.52 31.70
N ALA B 131 8.73 -3.72 32.96
CA ALA B 131 8.54 -4.99 33.69
C ALA B 131 7.09 -5.13 34.07
N PRO B 132 6.42 -6.30 33.95
CA PRO B 132 5.05 -6.45 34.48
C PRO B 132 4.96 -6.26 36.00
N SER B 133 3.82 -5.72 36.46
CA SER B 133 3.22 -6.01 37.82
C SER B 133 4.18 -5.64 38.95
N GLY B 139 -5.49 -13.71 38.58
CA GLY B 139 -5.93 -13.95 37.19
C GLY B 139 -5.73 -12.71 36.34
N GLY B 140 -6.52 -12.60 35.27
CA GLY B 140 -6.65 -11.35 34.49
C GLY B 140 -5.41 -11.06 33.66
N THR B 141 -5.20 -9.79 33.39
CA THR B 141 -4.30 -9.31 32.32
C THR B 141 -3.11 -8.59 32.93
N ALA B 142 -1.90 -8.82 32.39
CA ALA B 142 -0.70 -8.07 32.78
C ALA B 142 -0.12 -7.45 31.51
N ALA B 143 0.41 -6.24 31.63
CA ALA B 143 1.10 -5.57 30.52
C ALA B 143 2.60 -5.54 30.81
N LEU B 144 3.39 -5.62 29.74
CA LEU B 144 4.86 -5.55 29.81
C LEU B 144 5.31 -5.00 28.47
N GLY B 145 6.57 -4.63 28.39
CA GLY B 145 7.04 -3.95 27.19
C GLY B 145 8.51 -3.71 27.16
N CYS B 146 8.93 -2.96 26.15
CA CYS B 146 10.32 -2.51 25.91
C CYS B 146 10.28 -1.06 25.50
N LEU B 147 11.14 -0.26 26.14
CA LEU B 147 11.39 1.13 25.83
C LEU B 147 12.61 1.17 24.91
N VAL B 148 12.44 1.73 23.73
CA VAL B 148 13.48 1.82 22.66
C VAL B 148 13.87 3.28 22.56
N LYS B 149 14.90 3.67 23.28
CA LYS B 149 15.20 5.10 23.52
CA LYS B 149 15.23 5.09 23.56
C LYS B 149 16.45 5.57 22.75
N ASP B 150 16.36 6.77 22.20
CA ASP B 150 17.50 7.64 21.80
C ASP B 150 18.14 7.13 20.52
N TYR B 151 17.36 7.03 19.43
CA TYR B 151 17.93 6.55 18.15
C TYR B 151 17.71 7.58 17.04
N PHE B 152 18.47 7.43 15.97
CA PHE B 152 18.31 8.26 14.76
C PHE B 152 18.96 7.54 13.57
N PRO B 153 18.38 7.54 12.35
CA PRO B 153 17.05 8.09 12.09
C PRO B 153 15.94 7.05 12.37
N GLU B 154 14.72 7.34 11.93
CA GLU B 154 13.66 6.32 11.80
C GLU B 154 14.11 5.41 10.67
N PRO B 155 13.60 4.18 10.54
CA PRO B 155 12.71 3.52 11.51
C PRO B 155 13.41 2.50 12.40
N VAL B 156 12.62 1.91 13.29
CA VAL B 156 13.02 0.72 14.09
CA VAL B 156 13.00 0.74 14.13
C VAL B 156 11.87 -0.28 14.02
N THR B 157 12.21 -1.57 14.05
CA THR B 157 11.18 -2.63 14.11
C THR B 157 11.23 -3.29 15.47
N VAL B 158 10.08 -3.68 15.97
CA VAL B 158 9.99 -4.47 17.22
C VAL B 158 9.09 -5.66 16.96
N SER B 159 9.59 -6.84 17.28
CA SER B 159 8.76 -8.06 17.33
C SER B 159 8.85 -8.62 18.73
N TRP B 160 7.98 -9.57 19.02
CA TRP B 160 7.98 -10.28 20.32
C TRP B 160 8.19 -11.79 20.13
N ASN B 161 9.13 -12.36 20.88
CA ASN B 161 9.44 -13.81 20.84
C ASN B 161 9.67 -14.24 19.38
N SER B 162 10.42 -13.42 18.65
CA SER B 162 10.85 -13.65 17.25
C SER B 162 9.65 -13.83 16.34
N GLY B 163 8.53 -13.16 16.63
CA GLY B 163 7.34 -13.13 15.76
C GLY B 163 6.26 -14.09 16.22
N ALA B 164 6.52 -14.92 17.21
CA ALA B 164 5.56 -15.91 17.76
C ALA B 164 4.45 -15.20 18.56
N LEU B 165 4.69 -13.98 19.06
CA LEU B 165 3.69 -13.27 19.89
C LEU B 165 3.27 -12.00 19.14
N THR B 166 2.02 -11.97 18.67
CA THR B 166 1.46 -10.86 17.87
C THR B 166 0.17 -10.34 18.51
N SER B 167 -0.62 -11.20 19.16
CA SER B 167 -1.92 -10.83 19.79
CA SER B 167 -1.92 -10.80 19.77
C SER B 167 -1.66 -9.85 20.92
N GLY B 168 -2.34 -8.69 20.90
CA GLY B 168 -2.26 -7.71 22.01
C GLY B 168 -1.02 -6.84 21.96
N VAL B 169 -0.22 -6.91 20.91
CA VAL B 169 0.98 -6.04 20.82
C VAL B 169 0.57 -4.65 20.35
N HIS B 170 1.10 -3.60 20.98
CA HIS B 170 1.00 -2.21 20.47
C HIS B 170 2.40 -1.64 20.45
N THR B 171 2.90 -1.33 19.26
CA THR B 171 4.17 -0.61 19.08
C THR B 171 3.82 0.81 18.72
N PHE B 172 4.19 1.75 19.57
CA PHE B 172 3.74 3.17 19.46
C PHE B 172 4.57 3.84 18.38
N PRO B 173 3.99 4.84 17.69
CA PRO B 173 4.74 5.75 16.85
C PRO B 173 5.85 6.42 17.67
N ALA B 174 7.00 6.57 17.03
CA ALA B 174 8.14 7.27 17.63
C ALA B 174 7.74 8.73 17.90
N VAL B 175 8.29 9.29 18.97
CA VAL B 175 8.25 10.73 19.30
C VAL B 175 9.67 11.26 19.21
N LEU B 176 9.81 12.40 18.56
CA LEU B 176 11.08 13.14 18.49
C LEU B 176 11.29 13.86 19.81
N GLN B 177 12.38 13.55 20.50
CA GLN B 177 12.78 14.24 21.75
C GLN B 177 13.44 15.60 21.45
N SER B 178 13.52 16.44 22.48
CA SER B 178 14.20 17.75 22.39
C SER B 178 15.66 17.58 21.94
N SER B 179 16.25 16.42 22.25
CA SER B 179 17.64 16.05 21.83
C SER B 179 17.73 15.85 20.30
N GLY B 180 16.64 15.76 19.54
CA GLY B 180 16.67 15.36 18.12
C GLY B 180 16.87 13.85 17.92
N LEU B 181 16.72 13.05 18.97
CA LEU B 181 16.68 11.57 18.91
C LEU B 181 15.24 11.09 19.15
N TYR B 182 14.88 10.00 18.49
CA TYR B 182 13.56 9.35 18.61
C TYR B 182 13.56 8.39 19.79
N SER B 183 12.35 8.13 20.25
CA SER B 183 12.08 7.15 21.33
CA SER B 183 12.06 7.16 21.34
C SER B 183 10.70 6.53 21.07
N LEU B 184 10.56 5.24 21.34
CA LEU B 184 9.20 4.64 21.39
C LEU B 184 9.16 3.50 22.39
N SER B 185 7.97 3.13 22.80
CA SER B 185 7.70 1.89 23.54
C SER B 185 6.96 0.92 22.63
N SER B 186 7.16 -0.36 22.92
CA SER B 186 6.34 -1.48 22.46
C SER B 186 5.81 -2.21 23.68
N VAL B 187 4.51 -2.40 23.74
CA VAL B 187 3.90 -3.13 24.87
C VAL B 187 3.13 -4.36 24.41
N VAL B 188 2.77 -5.21 25.37
CA VAL B 188 1.89 -6.36 25.04
C VAL B 188 1.17 -6.71 26.35
N THR B 189 -0.06 -7.13 26.21
CA THR B 189 -0.84 -7.66 27.37
C THR B 189 -0.92 -9.16 27.23
N VAL B 190 -0.76 -9.86 28.35
CA VAL B 190 -0.66 -11.34 28.42
C VAL B 190 -1.40 -11.77 29.68
N PRO B 191 -1.77 -13.06 29.80
CA PRO B 191 -2.32 -13.56 31.05
C PRO B 191 -1.31 -13.45 32.22
N SER B 192 -1.76 -12.96 33.39
CA SER B 192 -0.91 -12.80 34.59
C SER B 192 -0.32 -14.17 35.01
N SER B 193 -1.09 -15.26 34.76
CA SER B 193 -0.71 -16.69 35.01
C SER B 193 0.54 -17.09 34.19
N SER B 194 0.76 -16.48 33.03
CA SER B 194 1.87 -16.82 32.09
C SER B 194 3.21 -16.25 32.58
N LEU B 195 3.22 -15.39 33.60
CA LEU B 195 4.42 -14.59 33.99
C LEU B 195 5.50 -15.49 34.63
N GLY B 196 5.11 -16.49 35.42
CA GLY B 196 6.06 -17.46 36.00
C GLY B 196 6.76 -18.28 34.92
N THR B 197 6.02 -18.64 33.87
CA THR B 197 6.30 -19.76 32.95
C THR B 197 6.88 -19.22 31.63
N GLN B 198 6.17 -18.30 30.97
CA GLN B 198 6.41 -17.91 29.56
C GLN B 198 7.52 -16.85 29.50
N THR B 199 8.53 -17.08 28.65
CA THR B 199 9.61 -16.11 28.39
C THR B 199 9.07 -15.05 27.43
N TYR B 200 9.32 -13.78 27.75
CA TYR B 200 8.93 -12.63 26.88
C TYR B 200 10.18 -11.84 26.49
N ILE B 201 10.48 -11.82 25.21
CA ILE B 201 11.66 -11.13 24.61
C ILE B 201 11.20 -10.20 23.49
N CYS B 202 11.58 -8.92 23.57
CA CYS B 202 11.37 -7.96 22.47
C CYS B 202 12.62 -7.95 21.58
N ASN B 203 12.40 -8.13 20.29
CA ASN B 203 13.48 -8.18 19.25
C ASN B 203 13.48 -6.85 18.51
N VAL B 204 14.49 -6.05 18.79
CA VAL B 204 14.55 -4.65 18.29
C VAL B 204 15.61 -4.61 17.19
N ASN B 205 15.26 -4.01 16.06
CA ASN B 205 16.23 -3.83 14.96
C ASN B 205 16.22 -2.38 14.53
N HIS B 206 17.38 -1.73 14.61
CA HIS B 206 17.63 -0.39 14.03
C HIS B 206 18.65 -0.55 12.90
N LYS B 207 18.15 -0.74 11.68
CA LYS B 207 19.05 -1.10 10.56
C LYS B 207 20.06 0.01 10.26
N PRO B 208 19.77 1.34 10.29
CA PRO B 208 20.79 2.32 9.92
C PRO B 208 22.04 2.34 10.82
N SER B 209 21.92 1.82 12.02
CA SER B 209 23.09 1.73 12.95
C SER B 209 23.61 0.29 13.11
N ASN B 210 23.04 -0.67 12.39
CA ASN B 210 23.31 -2.12 12.57
C ASN B 210 23.15 -2.49 14.06
N THR B 211 22.10 -1.99 14.71
CA THR B 211 21.78 -2.27 16.13
C THR B 211 20.61 -3.26 16.20
N LYS B 212 20.89 -4.46 16.68
CA LYS B 212 19.85 -5.48 16.98
C LYS B 212 19.98 -5.91 18.42
N VAL B 213 18.85 -5.89 19.11
CA VAL B 213 18.80 -6.19 20.56
C VAL B 213 17.62 -7.09 20.85
N ASP B 214 17.88 -8.20 21.53
CA ASP B 214 16.86 -9.06 22.19
C ASP B 214 16.84 -8.60 23.65
N LYS B 215 15.70 -8.14 24.15
CA LYS B 215 15.66 -7.78 25.59
C LYS B 215 14.65 -8.70 26.26
N LYS B 216 15.12 -9.51 27.20
CA LYS B 216 14.23 -10.36 28.04
C LYS B 216 13.57 -9.46 29.07
N VAL B 217 12.24 -9.54 29.18
CA VAL B 217 11.42 -8.72 30.09
C VAL B 217 10.82 -9.66 31.14
N GLU B 218 11.25 -9.55 32.39
CA GLU B 218 10.72 -10.41 33.48
C GLU B 218 10.27 -9.59 34.69
N PRO B 219 9.37 -10.13 35.54
CA PRO B 219 8.98 -9.45 36.78
C PRO B 219 10.15 -8.88 37.62
N GLY C 1 1.19 21.41 -18.84
CA GLY C 1 0.44 21.32 -17.56
C GLY C 1 0.13 19.87 -17.22
N ASP C 2 0.78 19.35 -16.19
CA ASP C 2 0.44 18.06 -15.56
C ASP C 2 -1.00 18.12 -15.06
N ILE C 3 -1.66 16.97 -14.91
CA ILE C 3 -3.08 16.91 -14.47
C ILE C 3 -3.09 16.90 -12.96
N VAL C 4 -3.95 17.71 -12.38
CA VAL C 4 -4.09 17.82 -10.91
C VAL C 4 -5.37 17.11 -10.49
N MET C 5 -5.26 16.19 -9.55
CA MET C 5 -6.41 15.48 -8.95
C MET C 5 -6.70 16.13 -7.61
N THR C 6 -7.92 16.66 -7.43
CA THR C 6 -8.36 17.25 -6.14
C THR C 6 -9.31 16.28 -5.48
N GLN C 7 -8.92 15.76 -4.32
CA GLN C 7 -9.73 14.75 -3.59
C GLN C 7 -10.41 15.42 -2.41
N THR C 8 -11.68 15.12 -2.22
CA THR C 8 -12.47 15.60 -1.06
C THR C 8 -13.38 14.49 -0.55
N PRO C 9 -13.73 14.47 0.75
CA PRO C 9 -13.15 15.41 1.75
C PRO C 9 -11.72 14.97 2.10
N LYS C 10 -11.00 15.66 3.00
CA LYS C 10 -9.68 15.19 3.48
C LYS C 10 -9.82 14.10 4.56
N PHE C 11 -10.91 14.11 5.32
CA PHE C 11 -11.13 13.21 6.50
C PHE C 11 -12.62 12.88 6.53
N LEU C 12 -12.94 11.70 7.05
CA LEU C 12 -14.33 11.23 7.26
C LEU C 12 -14.32 10.43 8.54
N LEU C 13 -15.22 10.75 9.45
CA LEU C 13 -15.50 9.91 10.62
C LEU C 13 -16.83 9.21 10.39
N VAL C 14 -16.82 7.88 10.44
CA VAL C 14 -18.00 7.07 10.04
C VAL C 14 -18.15 5.87 10.98
N SER C 15 -19.39 5.51 11.31
CA SER C 15 -19.74 4.34 12.15
C SER C 15 -19.86 3.14 11.22
N ALA C 16 -19.59 1.93 11.73
CA ALA C 16 -19.72 0.70 10.92
C ALA C 16 -21.16 0.67 10.41
N GLY C 17 -21.40 0.17 9.18
CA GLY C 17 -22.74 0.09 8.60
C GLY C 17 -23.08 1.30 7.76
N ASP C 18 -22.41 2.44 7.97
CA ASP C 18 -22.71 3.71 7.24
C ASP C 18 -21.96 3.80 5.90
N LYS C 19 -22.41 4.70 5.05
CA LYS C 19 -21.86 4.96 3.69
C LYS C 19 -20.68 5.91 3.77
N VAL C 20 -19.66 5.67 2.93
CA VAL C 20 -18.52 6.59 2.68
C VAL C 20 -18.62 7.06 1.23
N THR C 21 -18.57 8.37 1.00
CA THR C 21 -18.52 8.90 -0.39
C THR C 21 -17.32 9.82 -0.53
N ILE C 22 -16.42 9.51 -1.46
CA ILE C 22 -15.17 10.25 -1.70
C ILE C 22 -15.18 10.75 -3.13
N THR C 23 -14.73 11.97 -3.32
CA THR C 23 -14.78 12.62 -4.65
C THR C 23 -13.36 12.91 -5.10
N CYS C 24 -13.10 12.60 -6.36
CA CYS C 24 -11.87 12.95 -7.08
CA CYS C 24 -11.87 13.02 -7.05
C CYS C 24 -12.25 13.83 -8.29
N LYS C 25 -11.68 15.02 -8.42
CA LYS C 25 -11.92 15.91 -9.57
C LYS C 25 -10.59 16.20 -10.25
N ALA C 26 -10.50 15.85 -11.53
CA ALA C 26 -9.30 16.15 -12.36
C ALA C 26 -9.39 17.58 -12.92
N SER C 27 -8.22 18.20 -13.07
CA SER C 27 -8.06 19.55 -13.68
C SER C 27 -8.47 19.53 -15.17
N GLN C 28 -8.47 18.34 -15.81
CA GLN C 28 -9.02 18.17 -17.17
C GLN C 28 -9.45 16.73 -17.34
N SER C 29 -10.20 16.41 -18.39
CA SER C 29 -10.81 15.08 -18.51
CA SER C 29 -10.79 15.07 -18.55
C SER C 29 -9.70 14.00 -18.60
N VAL C 30 -9.94 12.90 -17.92
CA VAL C 30 -9.03 11.70 -17.90
C VAL C 30 -9.81 10.47 -18.35
N SER C 31 -10.84 10.66 -19.20
CA SER C 31 -11.65 9.54 -19.73
C SER C 31 -12.09 8.67 -18.54
N ASN C 32 -11.80 7.36 -18.54
CA ASN C 32 -12.05 6.48 -17.37
C ASN C 32 -10.73 5.94 -16.76
N ASP C 33 -9.59 6.55 -17.05
CA ASP C 33 -8.24 6.11 -16.59
C ASP C 33 -8.01 6.59 -15.15
N LEU C 34 -8.84 6.11 -14.24
CA LEU C 34 -8.93 6.56 -12.85
C LEU C 34 -8.93 5.29 -11.97
N THR C 35 -7.97 5.21 -11.05
CA THR C 35 -7.71 4.05 -10.17
C THR C 35 -7.86 4.51 -8.71
N TRP C 36 -8.50 3.69 -7.88
CA TRP C 36 -8.68 3.93 -6.43
C TRP C 36 -7.86 2.91 -5.64
N TYR C 37 -7.03 3.38 -4.72
CA TYR C 37 -6.22 2.52 -3.83
C TYR C 37 -6.64 2.73 -2.36
N GLN C 38 -6.43 1.69 -1.57
CA GLN C 38 -6.65 1.69 -0.11
C GLN C 38 -5.28 1.52 0.56
N GLN C 39 -4.90 2.43 1.45
CA GLN C 39 -3.63 2.28 2.21
C GLN C 39 -3.91 2.15 3.72
N LYS C 40 -3.86 0.94 4.26
CA LYS C 40 -4.13 0.70 5.69
C LYS C 40 -2.88 1.09 6.46
N PRO C 41 -3.01 1.40 7.77
CA PRO C 41 -1.85 1.86 8.53
C PRO C 41 -0.66 0.89 8.47
N GLY C 42 0.52 1.47 8.23
CA GLY C 42 1.81 0.75 8.11
C GLY C 42 1.93 -0.12 6.88
N GLN C 43 0.98 -0.08 5.94
CA GLN C 43 1.03 -0.95 4.73
C GLN C 43 1.25 -0.12 3.46
N SER C 44 1.54 -0.83 2.38
CA SER C 44 1.61 -0.26 1.03
C SER C 44 0.20 -0.14 0.50
N PRO C 45 -0.04 0.78 -0.44
CA PRO C 45 -1.34 0.90 -1.08
C PRO C 45 -1.74 -0.41 -1.75
N LYS C 46 -3.05 -0.64 -1.79
CA LYS C 46 -3.68 -1.84 -2.37
C LYS C 46 -4.71 -1.40 -3.41
N LEU C 47 -4.69 -2.01 -4.59
CA LEU C 47 -5.58 -1.61 -5.71
CA LEU C 47 -5.59 -1.55 -5.67
C LEU C 47 -6.99 -2.12 -5.41
N LEU C 48 -8.00 -1.25 -5.42
CA LEU C 48 -9.41 -1.71 -5.29
C LEU C 48 -10.13 -1.57 -6.64
N ILE C 49 -10.01 -0.46 -7.34
CA ILE C 49 -10.91 -0.12 -8.49
C ILE C 49 -10.02 0.44 -9.59
N TYR C 50 -10.26 0.05 -10.86
CA TYR C 50 -9.50 0.61 -12.00
C TYR C 50 -10.51 0.81 -13.14
N TYR C 51 -10.13 1.60 -14.14
CA TYR C 51 -11.05 2.06 -15.23
C TYR C 51 -12.32 2.69 -14.61
N ALA C 52 -12.13 3.44 -13.51
CA ALA C 52 -13.16 4.17 -12.74
C ALA C 52 -14.15 3.25 -12.01
N SER C 53 -14.53 2.08 -12.55
CA SER C 53 -15.65 1.31 -11.97
C SER C 53 -15.37 -0.19 -11.82
N ASN C 54 -14.27 -0.71 -12.38
CA ASN C 54 -13.97 -2.17 -12.35
C ASN C 54 -13.34 -2.49 -11.00
N ARG C 55 -13.96 -3.39 -10.22
CA ARG C 55 -13.28 -3.95 -9.02
C ARG C 55 -12.17 -4.88 -9.44
N TYR C 56 -11.01 -4.76 -8.81
CA TYR C 56 -9.91 -5.75 -8.90
C TYR C 56 -10.41 -7.08 -8.30
N ALA C 57 -9.87 -8.20 -8.77
CA ALA C 57 -10.20 -9.57 -8.28
C ALA C 57 -10.07 -9.63 -6.74
N GLY C 58 -11.13 -10.14 -6.10
CA GLY C 58 -11.21 -10.40 -4.65
C GLY C 58 -11.70 -9.20 -3.84
N VAL C 59 -11.88 -8.02 -4.45
CA VAL C 59 -12.36 -6.77 -3.79
C VAL C 59 -13.85 -6.93 -3.53
N PRO C 60 -14.29 -6.80 -2.26
CA PRO C 60 -15.69 -6.94 -1.88
C PRO C 60 -16.66 -5.99 -2.58
N ASP C 61 -17.95 -6.37 -2.59
CA ASP C 61 -19.10 -5.70 -3.28
C ASP C 61 -19.31 -4.29 -2.75
N ARG C 62 -18.97 -4.01 -1.48
CA ARG C 62 -19.30 -2.72 -0.82
C ARG C 62 -18.49 -1.59 -1.45
N PHE C 63 -17.41 -1.91 -2.18
CA PHE C 63 -16.55 -0.92 -2.88
C PHE C 63 -17.00 -0.74 -4.33
N THR C 64 -17.34 0.49 -4.69
CA THR C 64 -17.70 0.84 -6.09
C THR C 64 -17.06 2.17 -6.47
N GLY C 65 -17.08 2.45 -7.76
CA GLY C 65 -16.54 3.70 -8.33
C GLY C 65 -17.37 4.07 -9.53
N SER C 66 -17.45 5.35 -9.85
CA SER C 66 -18.15 5.79 -11.07
C SER C 66 -17.48 7.06 -11.59
N GLY C 67 -17.82 7.43 -12.82
CA GLY C 67 -17.39 8.69 -13.42
C GLY C 67 -16.65 8.48 -14.71
N TYR C 68 -16.58 9.58 -15.47
CA TYR C 68 -15.93 9.70 -16.78
C TYR C 68 -15.65 11.20 -16.95
N GLY C 69 -14.43 11.55 -17.34
CA GLY C 69 -14.06 12.95 -17.63
C GLY C 69 -13.28 13.51 -16.47
N THR C 70 -13.86 14.46 -15.73
CA THR C 70 -13.17 15.08 -14.56
C THR C 70 -13.69 14.55 -13.22
N ASP C 71 -14.94 14.10 -13.13
CA ASP C 71 -15.63 13.99 -11.82
C ASP C 71 -15.83 12.51 -11.44
N PHE C 72 -15.14 12.03 -10.42
CA PHE C 72 -15.15 10.60 -10.05
C PHE C 72 -15.59 10.43 -8.61
N THR C 73 -16.33 9.36 -8.38
CA THR C 73 -16.96 9.07 -7.07
C THR C 73 -16.58 7.66 -6.64
N PHE C 74 -16.02 7.54 -5.43
CA PHE C 74 -15.74 6.24 -4.76
C PHE C 74 -16.66 6.08 -3.57
N THR C 75 -17.26 4.91 -3.43
CA THR C 75 -18.32 4.63 -2.41
C THR C 75 -18.01 3.33 -1.68
N ILE C 76 -18.05 3.33 -0.33
CA ILE C 76 -18.16 2.10 0.50
C ILE C 76 -19.60 2.12 1.01
N SER C 77 -20.43 1.21 0.55
CA SER C 77 -21.90 1.23 0.75
C SER C 77 -22.17 1.10 2.25
N THR C 78 -21.51 0.14 2.89
CA THR C 78 -21.61 -0.13 4.35
C THR C 78 -20.20 -0.37 4.90
N VAL C 79 -19.57 0.68 5.38
CA VAL C 79 -18.15 0.62 5.82
C VAL C 79 -18.03 -0.40 6.96
N GLN C 80 -16.94 -1.15 6.98
CA GLN C 80 -16.63 -2.12 8.07
C GLN C 80 -15.42 -1.59 8.85
N ALA C 81 -15.24 -2.12 10.07
CA ALA C 81 -14.18 -1.70 11.01
C ALA C 81 -12.81 -1.76 10.32
N GLU C 82 -12.59 -2.79 9.48
CA GLU C 82 -11.26 -3.07 8.86
C GLU C 82 -11.01 -2.15 7.67
N ASP C 83 -11.99 -1.32 7.30
CA ASP C 83 -11.88 -0.40 6.15
C ASP C 83 -11.18 0.89 6.56
N LEU C 84 -10.80 1.05 7.83
CA LEU C 84 -10.01 2.26 8.14
C LEU C 84 -8.72 2.27 7.31
N ALA C 85 -8.44 3.39 6.65
CA ALA C 85 -7.34 3.51 5.67
C ALA C 85 -7.33 4.94 5.15
N VAL C 86 -6.27 5.31 4.41
CA VAL C 86 -6.29 6.46 3.50
C VAL C 86 -6.65 5.91 2.11
N TYR C 87 -7.64 6.47 1.46
CA TYR C 87 -8.05 6.08 0.07
C TYR C 87 -7.54 7.19 -0.87
N PHE C 88 -6.92 6.79 -1.99
CA PHE C 88 -6.31 7.73 -2.96
C PHE C 88 -6.80 7.37 -4.37
N CYS C 89 -7.04 8.37 -5.20
CA CYS C 89 -7.32 8.22 -6.64
C CYS C 89 -6.01 8.50 -7.36
N GLN C 90 -5.88 7.94 -8.55
CA GLN C 90 -4.74 8.15 -9.45
C GLN C 90 -5.33 8.17 -10.87
N GLN C 91 -4.91 9.15 -11.67
CA GLN C 91 -5.23 9.22 -13.11
C GLN C 91 -3.99 8.72 -13.86
N ASP C 92 -4.16 7.99 -14.96
CA ASP C 92 -3.04 7.72 -15.88
C ASP C 92 -3.50 8.00 -17.32
N TYR C 93 -4.43 8.94 -17.50
CA TYR C 93 -4.81 9.39 -18.85
C TYR C 93 -3.65 10.20 -19.42
N GLY C 94 -3.15 11.15 -18.63
CA GLY C 94 -2.05 12.02 -19.06
C GLY C 94 -0.73 11.56 -18.46
N SER C 95 0.38 11.91 -19.07
CA SER C 95 1.74 11.65 -18.53
C SER C 95 2.23 12.94 -17.89
N PRO C 96 2.74 12.94 -16.64
CA PRO C 96 2.87 11.73 -15.82
C PRO C 96 1.58 11.34 -15.14
N PRO C 97 1.45 10.09 -14.68
CA PRO C 97 0.36 9.72 -13.76
C PRO C 97 0.42 10.59 -12.51
N THR C 98 -0.73 10.93 -11.91
CA THR C 98 -0.80 11.86 -10.76
C THR C 98 -1.86 11.34 -9.81
N PHE C 99 -1.64 11.58 -8.53
CA PHE C 99 -2.49 11.05 -7.43
C PHE C 99 -3.20 12.21 -6.72
N GLY C 100 -4.36 11.91 -6.16
CA GLY C 100 -5.08 12.77 -5.21
C GLY C 100 -4.30 12.80 -3.93
N GLY C 101 -4.64 13.77 -3.09
CA GLY C 101 -3.98 13.94 -1.78
C GLY C 101 -4.50 13.00 -0.72
N GLY C 102 -5.51 12.17 -1.01
CA GLY C 102 -5.95 11.17 -0.04
C GLY C 102 -7.15 11.64 0.80
N THR C 103 -7.90 10.66 1.31
CA THR C 103 -9.05 10.83 2.22
C THR C 103 -8.83 9.85 3.35
N LYS C 104 -8.62 10.34 4.59
CA LYS C 104 -8.48 9.42 5.75
C LYS C 104 -9.84 9.02 6.29
N VAL C 105 -10.12 7.74 6.30
CA VAL C 105 -11.41 7.19 6.77
C VAL C 105 -11.20 6.62 8.17
N GLU C 106 -11.80 7.24 9.18
CA GLU C 106 -11.63 6.83 10.59
C GLU C 106 -12.99 6.36 11.10
N ILE C 107 -12.95 5.39 12.00
CA ILE C 107 -14.17 4.68 12.44
C ILE C 107 -14.67 5.32 13.74
N LYS C 108 -15.97 5.59 13.80
CA LYS C 108 -16.65 6.02 15.05
C LYS C 108 -17.23 4.76 15.70
N ARG C 109 -16.98 4.57 17.00
CA ARG C 109 -17.60 3.47 17.79
C ARG C 109 -18.07 3.97 19.17
N THR C 110 -18.59 3.07 20.00
CA THR C 110 -19.13 3.37 21.34
C THR C 110 -17.92 3.73 22.23
N VAL C 111 -18.20 4.34 23.37
CA VAL C 111 -17.13 4.66 24.34
C VAL C 111 -16.56 3.37 24.91
N ALA C 112 -15.25 3.39 25.14
CA ALA C 112 -14.51 2.31 25.83
C ALA C 112 -13.45 2.97 26.72
N ALA C 113 -13.50 2.67 27.99
CA ALA C 113 -12.55 3.17 28.99
C ALA C 113 -11.18 2.52 28.79
N PRO C 114 -10.08 3.23 29.01
CA PRO C 114 -8.78 2.60 28.97
C PRO C 114 -8.54 1.69 30.19
N SER C 115 -7.78 0.60 30.02
CA SER C 115 -7.02 -0.03 31.13
C SER C 115 -5.69 0.70 31.28
N VAL C 116 -5.31 0.97 32.51
CA VAL C 116 -4.17 1.85 32.83
C VAL C 116 -3.08 1.04 33.53
N PHE C 117 -1.83 1.28 33.12
CA PHE C 117 -0.64 0.63 33.70
C PHE C 117 0.47 1.65 33.82
N ILE C 118 1.26 1.50 34.87
CA ILE C 118 2.45 2.35 35.09
C ILE C 118 3.69 1.45 35.17
N PHE C 119 4.81 1.94 34.63
CA PHE C 119 6.08 1.18 34.65
C PHE C 119 7.18 2.07 35.20
N PRO C 120 7.90 1.62 36.24
CA PRO C 120 9.00 2.40 36.78
C PRO C 120 10.18 2.29 35.81
N PRO C 121 11.22 3.14 35.96
CA PRO C 121 12.42 2.99 35.15
C PRO C 121 13.15 1.72 35.58
N SER C 122 13.82 1.10 34.61
CA SER C 122 14.71 -0.07 34.84
C SER C 122 15.95 0.39 35.61
N ASP C 123 16.46 -0.51 36.47
CA ASP C 123 17.77 -0.29 37.11
C ASP C 123 18.83 -0.09 36.03
N GLU C 124 18.74 -0.81 34.91
CA GLU C 124 19.70 -0.67 33.77
C GLU C 124 19.72 0.79 33.29
N GLN C 125 18.56 1.40 33.02
CA GLN C 125 18.54 2.81 32.56
C GLN C 125 19.12 3.73 33.64
N LEU C 126 18.72 3.53 34.89
CA LEU C 126 19.13 4.39 36.03
C LEU C 126 20.66 4.45 36.13
N LYS C 127 21.32 3.31 35.92
CA LYS C 127 22.81 3.19 35.92
C LYS C 127 23.39 4.27 35.00
N SER C 128 22.67 4.58 33.92
CA SER C 128 23.13 5.47 32.83
C SER C 128 22.74 6.94 33.07
N GLY C 129 22.06 7.26 34.18
CA GLY C 129 21.82 8.65 34.63
C GLY C 129 20.45 9.26 34.26
N THR C 130 19.57 8.51 33.57
CA THR C 130 18.21 9.00 33.20
C THR C 130 17.15 8.03 33.73
N ALA C 131 15.98 8.56 34.13
CA ALA C 131 14.77 7.80 34.52
C ALA C 131 13.62 8.12 33.56
N SER C 132 13.14 7.12 32.83
CA SER C 132 11.90 7.18 31.99
C SER C 132 10.82 6.39 32.77
N VAL C 133 9.70 7.04 33.08
CA VAL C 133 8.53 6.41 33.72
C VAL C 133 7.42 6.37 32.67
N VAL C 134 6.80 5.23 32.46
CA VAL C 134 5.85 5.08 31.32
C VAL C 134 4.46 4.81 31.89
N CYS C 135 3.45 5.45 31.29
CA CYS C 135 2.03 5.17 31.61
C CYS C 135 1.36 4.76 30.32
N LEU C 136 0.69 3.62 30.34
CA LEU C 136 -0.03 3.00 29.21
C LEU C 136 -1.55 3.11 29.46
N LEU C 137 -2.28 3.63 28.46
CA LEU C 137 -3.77 3.61 28.37
C LEU C 137 -4.06 2.65 27.22
N ASN C 138 -4.65 1.52 27.51
CA ASN C 138 -4.85 0.44 26.52
C ASN C 138 -6.30 0.38 26.06
N ASN C 139 -6.46 0.33 24.75
CA ASN C 139 -7.69 -0.09 24.05
C ASN C 139 -8.88 0.78 24.46
N PHE C 140 -8.89 2.05 24.09
CA PHE C 140 -9.98 2.97 24.51
C PHE C 140 -10.49 3.76 23.31
N TYR C 141 -11.65 4.37 23.53
CA TYR C 141 -12.37 5.19 22.53
C TYR C 141 -13.28 6.16 23.28
N PRO C 142 -13.34 7.46 22.91
CA PRO C 142 -12.51 8.06 21.86
C PRO C 142 -11.07 8.39 22.24
N ARG C 143 -10.34 9.02 21.29
CA ARG C 143 -8.90 9.37 21.40
CA ARG C 143 -8.89 9.37 21.41
C ARG C 143 -8.64 10.38 22.52
N GLU C 144 -9.60 11.24 22.84
CA GLU C 144 -9.41 12.35 23.79
C GLU C 144 -9.23 11.75 25.19
N ALA C 145 -8.15 12.11 25.89
CA ALA C 145 -7.81 11.62 27.24
C ALA C 145 -6.89 12.63 27.94
N LYS C 146 -7.01 12.76 29.24
CA LYS C 146 -6.10 13.65 30.03
C LYS C 146 -5.25 12.72 30.90
N VAL C 147 -3.93 12.73 30.65
CA VAL C 147 -2.92 11.92 31.38
C VAL C 147 -2.05 12.92 32.13
N GLN C 148 -2.10 12.87 33.45
CA GLN C 148 -1.36 13.83 34.29
CA GLN C 148 -1.41 13.83 34.33
C GLN C 148 -0.38 13.04 35.16
N TRP C 149 0.86 13.49 35.17
CA TRP C 149 1.91 12.93 36.06
C TRP C 149 1.90 13.71 37.39
N LYS C 150 1.89 12.98 38.51
CA LYS C 150 2.16 13.52 39.87
C LYS C 150 3.39 12.82 40.47
N VAL C 151 4.27 13.59 41.11
CA VAL C 151 5.53 13.14 41.76
C VAL C 151 5.46 13.72 43.17
N ASP C 152 5.27 12.86 44.18
CA ASP C 152 4.93 13.25 45.58
C ASP C 152 3.74 14.21 45.57
N ASN C 153 2.72 13.88 44.76
CA ASN C 153 1.45 14.61 44.61
C ASN C 153 1.62 15.98 43.92
N ALA C 154 2.77 16.33 43.32
CA ALA C 154 2.98 17.58 42.55
C ALA C 154 2.67 17.34 41.07
N LEU C 155 1.69 18.06 40.54
CA LEU C 155 1.31 18.04 39.11
CA LEU C 155 1.33 17.93 39.10
C LEU C 155 2.52 18.42 38.26
N GLN C 156 3.01 17.53 37.39
CA GLN C 156 4.17 17.83 36.52
C GLN C 156 3.74 18.61 35.26
N SER C 157 4.64 19.39 34.65
CA SER C 157 4.45 19.92 33.29
C SER C 157 5.81 20.11 32.63
N GLY C 158 5.80 19.88 31.33
CA GLY C 158 6.92 20.20 30.41
C GLY C 158 7.90 19.05 30.31
N ASN C 159 7.68 17.95 31.04
CA ASN C 159 8.70 16.86 31.16
C ASN C 159 8.12 15.53 30.71
N SER C 160 7.09 15.55 29.87
CA SER C 160 6.44 14.31 29.38
C SER C 160 6.04 14.46 27.91
N GLN C 161 6.04 13.34 27.19
CA GLN C 161 5.58 13.26 25.78
C GLN C 161 4.62 12.09 25.66
N GLU C 162 3.68 12.18 24.74
CA GLU C 162 2.62 11.18 24.53
C GLU C 162 2.72 10.65 23.10
N SER C 163 2.37 9.40 22.88
CA SER C 163 2.20 8.80 21.53
C SER C 163 0.87 8.05 21.50
N VAL C 164 0.20 8.02 20.35
CA VAL C 164 -1.08 7.32 20.22
C VAL C 164 -1.00 6.37 19.02
N THR C 165 -1.45 5.17 19.18
CA THR C 165 -1.43 4.17 18.09
C THR C 165 -2.48 4.57 17.06
N GLU C 166 -2.31 4.02 15.86
CA GLU C 166 -3.37 4.08 14.82
C GLU C 166 -4.51 3.21 15.33
N GLN C 167 -5.70 3.55 14.86
CA GLN C 167 -6.95 2.87 15.22
C GLN C 167 -6.82 1.40 14.94
N ASP C 168 -7.27 0.58 15.86
CA ASP C 168 -7.26 -0.88 15.72
C ASP C 168 -8.25 -1.29 14.61
N SER C 169 -7.85 -2.16 13.71
CA SER C 169 -8.66 -2.54 12.52
C SER C 169 -9.83 -3.42 12.91
N LYS C 170 -9.78 -4.05 14.09
CA LYS C 170 -10.85 -4.95 14.60
C LYS C 170 -11.83 -4.22 15.55
N ASP C 171 -11.35 -3.51 16.59
CA ASP C 171 -12.24 -3.00 17.67
C ASP C 171 -12.33 -1.47 17.61
N SER C 172 -11.58 -0.81 16.72
CA SER C 172 -11.71 0.64 16.42
C SER C 172 -11.21 1.48 17.61
N THR C 173 -10.48 0.88 18.54
CA THR C 173 -9.92 1.61 19.71
C THR C 173 -8.51 2.12 19.41
N TYR C 174 -8.04 2.96 20.33
CA TYR C 174 -6.69 3.55 20.34
C TYR C 174 -5.96 3.05 21.60
N SER C 175 -4.64 3.11 21.57
CA SER C 175 -3.81 3.00 22.80
C SER C 175 -2.91 4.23 22.92
N LEU C 176 -2.45 4.56 24.13
CA LEU C 176 -1.67 5.80 24.32
C LEU C 176 -0.56 5.50 25.35
N SER C 177 0.63 6.02 25.08
CA SER C 177 1.82 6.02 25.96
CA SER C 177 1.80 6.02 25.99
C SER C 177 2.05 7.45 26.45
N SER C 178 2.38 7.64 27.71
CA SER C 178 2.87 8.94 28.23
C SER C 178 4.19 8.60 28.92
N THR C 179 5.29 9.22 28.51
CA THR C 179 6.62 9.00 29.12
C THR C 179 7.07 10.26 29.85
N LEU C 180 7.42 10.10 31.10
CA LEU C 180 7.93 11.17 32.00
C LEU C 180 9.44 10.99 32.05
N THR C 181 10.22 11.99 31.67
CA THR C 181 11.69 11.87 31.67
C THR C 181 12.24 12.76 32.77
N LEU C 182 13.04 12.20 33.67
CA LEU C 182 13.75 12.92 34.75
C LEU C 182 15.22 12.53 34.74
N SER C 183 16.11 13.36 35.31
CA SER C 183 17.48 12.90 35.66
C SER C 183 17.37 11.84 36.77
N LYS C 184 18.41 11.00 36.88
CA LYS C 184 18.52 10.03 38.01
C LYS C 184 18.46 10.84 39.31
N ALA C 185 19.15 11.97 39.35
CA ALA C 185 19.25 12.80 40.57
C ALA C 185 17.84 13.23 40.99
N ASP C 186 17.06 13.80 40.06
CA ASP C 186 15.67 14.26 40.34
C ASP C 186 14.79 13.07 40.71
N TYR C 187 14.85 11.97 39.96
CA TYR C 187 14.04 10.76 40.23
C TYR C 187 14.23 10.33 41.69
N GLU C 188 15.48 10.35 42.13
CA GLU C 188 15.89 9.82 43.46
C GLU C 188 15.51 10.80 44.59
N LYS C 189 15.06 12.00 44.28
CA LYS C 189 14.62 12.97 45.32
C LYS C 189 13.17 12.70 45.73
N HIS C 190 12.43 11.86 45.02
CA HIS C 190 10.97 11.72 45.25
C HIS C 190 10.60 10.26 45.47
N LYS C 191 9.44 10.03 46.08
CA LYS C 191 9.00 8.67 46.45
C LYS C 191 7.87 8.18 45.56
N VAL C 192 6.79 8.98 45.42
CA VAL C 192 5.52 8.50 44.82
C VAL C 192 5.42 9.02 43.38
N TYR C 193 5.25 8.10 42.45
CA TYR C 193 5.10 8.36 41.01
C TYR C 193 3.72 7.86 40.61
N ALA C 194 2.89 8.76 40.07
CA ALA C 194 1.49 8.46 39.76
C ALA C 194 1.14 8.98 38.38
N CYS C 195 0.42 8.15 37.65
CA CYS C 195 -0.23 8.49 36.39
C CYS C 195 -1.74 8.59 36.66
N GLU C 196 -2.33 9.77 36.42
CA GLU C 196 -3.77 10.03 36.64
C GLU C 196 -4.43 10.23 35.27
N VAL C 197 -5.42 9.41 35.00
CA VAL C 197 -6.11 9.32 33.69
C VAL C 197 -7.58 9.74 33.83
N THR C 198 -7.99 10.72 33.02
CA THR C 198 -9.37 11.23 32.92
C THR C 198 -9.86 10.90 31.50
N HIS C 199 -11.04 10.33 31.36
CA HIS C 199 -11.55 9.88 30.03
C HIS C 199 -13.06 9.72 30.11
N GLN C 200 -13.81 9.92 28.99
CA GLN C 200 -15.29 9.88 28.98
CA GLN C 200 -15.29 9.88 28.99
C GLN C 200 -15.77 8.55 29.54
N GLY C 201 -14.99 7.49 29.33
CA GLY C 201 -15.36 6.12 29.73
C GLY C 201 -15.22 5.84 31.22
N LEU C 202 -14.52 6.71 31.95
CA LEU C 202 -14.29 6.57 33.42
C LEU C 202 -15.19 7.55 34.19
N SER C 203 -15.99 7.07 35.14
CA SER C 203 -16.90 7.95 35.95
C SER C 203 -16.08 8.93 36.81
N SER C 204 -14.86 8.56 37.20
CA SER C 204 -13.90 9.45 37.90
C SER C 204 -12.48 9.08 37.50
N PRO C 205 -11.47 9.97 37.67
CA PRO C 205 -10.11 9.68 37.17
C PRO C 205 -9.49 8.44 37.83
N VAL C 206 -8.75 7.65 37.04
CA VAL C 206 -8.05 6.43 37.52
C VAL C 206 -6.60 6.80 37.71
N THR C 207 -6.04 6.44 38.85
CA THR C 207 -4.62 6.69 39.19
C THR C 207 -3.94 5.34 39.35
N LYS C 208 -2.79 5.17 38.70
CA LYS C 208 -1.86 4.06 38.95
C LYS C 208 -0.54 4.65 39.43
N SER C 209 0.06 4.05 40.44
CA SER C 209 1.27 4.64 41.06
C SER C 209 2.18 3.53 41.58
N PHE C 210 3.38 3.93 42.00
CA PHE C 210 4.38 3.08 42.68
C PHE C 210 5.23 4.01 43.55
N ASN C 211 5.92 3.46 44.54
CA ASN C 211 6.86 4.19 45.44
C ASN C 211 8.27 3.71 45.14
N ARG C 212 9.17 4.61 44.71
CA ARG C 212 10.62 4.34 44.53
C ARG C 212 11.17 3.94 45.90
N GLY C 213 12.10 2.98 45.98
CA GLY C 213 12.72 2.53 47.25
C GLY C 213 12.39 3.45 48.43
CA CA D . -2.79 -13.77 -19.48
CA CA E . -6.10 -14.31 -17.13
ZN ZN F . -10.34 -7.39 -22.88
CL CL G . -13.77 -7.00 -20.84
S SO4 H . -12.30 -6.39 -20.34
O1 SO4 H . -11.06 -7.01 -20.72
O2 SO4 H . -12.15 -5.81 -19.03
O3 SO4 H . -12.63 -5.37 -21.30
O4 SO4 H . -13.34 -7.39 -20.31
#